data_6T5W
#
_entry.id   6T5W
#
_cell.length_a   54.019
_cell.length_b   56.845
_cell.length_c   66.155
_cell.angle_alpha   90.000
_cell.angle_beta   90.000
_cell.angle_gamma   90.000
#
_symmetry.space_group_name_H-M   'P 21 21 21'
#
loop_
_entity.id
_entity.type
_entity.pdbx_description
1 polymer 'Cationic Trypsin'
2 non-polymer 'CALCIUM ION'
3 non-polymer 'DIMETHYL SULFOXIDE'
4 non-polymer 'SULFATE ION'
5 non-polymer (2~{S})-1-[(2~{R})-2-azanyl-3-phenyl-propanoyl]-~{N}-[(6-azanylpyridin-3-yl)methyl]pyrrolidine-2-carboxamide
6 water water
#
_entity_poly.entity_id   1
_entity_poly.type   'polypeptide(L)'
_entity_poly.pdbx_seq_one_letter_code
;MKTFIFLALLGAAVAFPVDDDDKIVGGYTCGANTVPYQVSLNSGYHFCGGSLINSQWVVSAAHCYKSGIQVRLGEDNINV
VEGNEQFISASKSIVHPSYNSNTLNNDIMLIKLKSAASLNSRVASISLPTSCASAGTQCLISGWGNTKSSGTSYPDVLKC
LKAPILSDSSCKSAYPGQITSNMFCAGYLEGGKDSCQGDSGGPVVCSGKLQGIVSWGSGCAQKNKPGVYTKVCNYVSWIK
QTIASN
;
_entity_poly.pdbx_strand_id   A
#
loop_
_chem_comp.id
_chem_comp.type
_chem_comp.name
_chem_comp.formula
CA non-polymer 'CALCIUM ION' 'Ca 2'
DMS non-polymer 'DIMETHYL SULFOXIDE' 'C2 H6 O S'
J5K non-polymer (2~{S})-1-[(2~{R})-2-azanyl-3-phenyl-propanoyl]-~{N}-[(6-azanylpyridin-3-yl)methyl]pyrrolidine-2-carboxamide 'C20 H25 N5 O2'
SO4 non-polymer 'SULFATE ION' 'O4 S -2'
#
# COMPACT_ATOMS: atom_id res chain seq x y z
N ILE A 24 -9.63 4.73 -4.24
CA ILE A 24 -10.34 4.80 -2.95
C ILE A 24 -11.79 5.18 -3.23
N VAL A 25 -12.73 4.34 -2.79
CA VAL A 25 -14.16 4.59 -2.92
C VAL A 25 -14.71 5.09 -1.58
N GLY A 26 -15.46 6.19 -1.62
CA GLY A 26 -16.10 6.68 -0.41
C GLY A 26 -15.18 7.36 0.57
N GLY A 27 -14.01 7.80 0.13
CA GLY A 27 -13.02 8.47 0.95
C GLY A 27 -13.09 9.97 0.81
N TYR A 28 -11.95 10.62 1.04
CA TYR A 28 -11.86 12.07 1.06
C TYR A 28 -10.51 12.48 0.48
N THR A 29 -10.43 13.72 0.03
CA THR A 29 -9.17 14.28 -0.44
C THR A 29 -8.22 14.45 0.75
N CYS A 30 -7.05 13.82 0.69
CA CYS A 30 -6.16 13.82 1.85
C CYS A 30 -5.72 15.23 2.24
N GLY A 31 -5.36 16.03 1.24
CA GLY A 31 -4.63 17.26 1.46
C GLY A 31 -3.19 17.08 1.03
N ALA A 32 -2.68 18.03 0.25
CA ALA A 32 -1.39 17.84 -0.40
C ALA A 32 -0.29 17.53 0.59
N ASN A 33 0.41 16.42 0.34
CA ASN A 33 1.62 16.04 1.06
C ASN A 33 1.35 15.72 2.54
N THR A 34 0.10 15.47 2.91
CA THR A 34 -0.20 15.08 4.28
C THR A 34 -0.02 13.58 4.52
N VAL A 35 0.31 12.83 3.48
CA VAL A 35 0.66 11.41 3.58
C VAL A 35 2.05 11.30 2.97
N PRO A 36 3.08 11.77 3.66
CA PRO A 36 4.36 12.04 2.97
C PRO A 36 5.17 10.80 2.63
N TYR A 37 4.75 9.63 3.11
CA TYR A 37 5.35 8.36 2.78
C TYR A 37 4.67 7.69 1.57
N GLN A 38 3.56 8.24 1.09
CA GLN A 38 2.88 7.66 -0.06
C GLN A 38 3.66 7.95 -1.33
N VAL A 39 3.97 6.90 -2.11
N VAL A 39 3.83 6.89 -2.12
CA VAL A 39 4.59 7.09 -3.42
CA VAL A 39 4.55 6.87 -3.38
C VAL A 39 3.66 6.56 -4.50
C VAL A 39 3.57 6.58 -4.51
N SER A 40 3.86 7.10 -5.69
CA SER A 40 3.24 6.62 -6.93
C SER A 40 4.31 5.89 -7.73
N LEU A 41 4.00 4.69 -8.21
CA LEU A 41 4.87 3.95 -9.11
C LEU A 41 4.40 4.23 -10.53
N ASN A 42 5.34 4.65 -11.38
CA ASN A 42 5.03 5.13 -12.71
C ASN A 42 5.85 4.36 -13.74
N SER A 43 5.16 3.87 -14.77
CA SER A 43 5.80 3.20 -15.90
C SER A 43 5.31 3.81 -17.19
N GLY A 44 5.28 5.14 -17.24
CA GLY A 44 4.60 5.88 -18.29
C GLY A 44 3.26 6.41 -17.87
N TYR A 45 2.78 5.97 -16.72
CA TYR A 45 1.48 6.25 -16.13
C TYR A 45 1.57 5.70 -14.71
N HIS A 46 0.73 6.24 -13.82
CA HIS A 46 0.60 5.66 -12.49
C HIS A 46 -0.04 4.28 -12.59
N PHE A 47 0.56 3.28 -11.94
CA PHE A 47 -0.03 1.96 -11.92
C PHE A 47 -0.14 1.32 -10.55
N CYS A 48 0.49 1.87 -9.51
CA CYS A 48 0.39 1.29 -8.18
C CYS A 48 0.89 2.33 -7.20
N GLY A 49 0.52 2.14 -5.94
CA GLY A 49 1.11 2.88 -4.85
C GLY A 49 2.25 2.12 -4.20
N GLY A 50 2.83 2.76 -3.20
CA GLY A 50 3.88 2.18 -2.38
C GLY A 50 4.11 3.08 -1.19
N SER A 51 5.00 2.63 -0.30
CA SER A 51 5.29 3.33 0.93
C SER A 51 6.80 3.47 1.09
N LEU A 52 7.26 4.69 1.34
CA LEU A 52 8.68 4.95 1.59
C LEU A 52 9.02 4.54 3.02
N ILE A 53 9.93 3.58 3.17
CA ILE A 53 10.31 3.11 4.51
C ILE A 53 11.67 3.63 4.97
N ASN A 54 12.49 4.12 4.06
CA ASN A 54 13.70 4.87 4.40
C ASN A 54 14.09 5.60 3.12
N SER A 55 15.21 6.30 3.14
CA SER A 55 15.51 7.16 1.98
C SER A 55 15.80 6.38 0.71
N GLN A 56 16.03 5.07 0.78
CA GLN A 56 16.40 4.28 -0.40
C GLN A 56 15.43 3.17 -0.77
N TRP A 57 14.38 2.94 0.00
CA TRP A 57 13.56 1.75 -0.18
C TRP A 57 12.08 2.04 -0.07
N VAL A 58 11.31 1.41 -0.95
CA VAL A 58 9.86 1.46 -0.99
C VAL A 58 9.31 0.04 -0.81
N VAL A 59 8.24 -0.07 -0.02
CA VAL A 59 7.46 -1.30 0.09
C VAL A 59 6.20 -1.16 -0.76
N SER A 60 5.92 -2.17 -1.58
CA SER A 60 4.71 -2.21 -2.38
C SER A 60 4.19 -3.65 -2.39
N ALA A 61 3.21 -3.93 -3.24
CA ALA A 61 2.66 -5.27 -3.38
C ALA A 61 3.45 -6.01 -4.45
N ALA A 62 3.65 -7.32 -4.25
CA ALA A 62 4.26 -8.14 -5.29
C ALA A 62 3.45 -8.11 -6.59
N HIS A 63 2.13 -8.01 -6.51
CA HIS A 63 1.35 -7.99 -7.73
C HIS A 63 1.54 -6.71 -8.52
N CYS A 64 2.23 -5.71 -7.96
CA CYS A 64 2.63 -4.50 -8.66
C CYS A 64 3.96 -4.66 -9.40
N TYR A 65 4.60 -5.81 -9.32
CA TYR A 65 5.87 -5.98 -10.01
C TYR A 65 5.76 -5.69 -11.51
N LYS A 66 6.71 -4.92 -12.01
CA LYS A 66 7.01 -4.87 -13.43
C LYS A 66 8.38 -4.24 -13.55
N SER A 67 8.95 -4.33 -14.74
CA SER A 67 10.22 -3.67 -15.02
C SER A 67 9.99 -2.19 -15.36
N GLY A 68 11.05 -1.41 -15.27
CA GLY A 68 10.99 -0.01 -15.69
C GLY A 68 10.18 0.90 -14.77
N ILE A 69 10.33 0.73 -13.47
CA ILE A 69 9.58 1.53 -12.50
C ILE A 69 10.32 2.81 -12.20
N GLN A 70 9.61 3.94 -12.24
CA GLN A 70 10.06 5.19 -11.66
C GLN A 70 9.22 5.46 -10.42
N VAL A 71 9.88 5.71 -9.30
CA VAL A 71 9.22 6.04 -8.06
C VAL A 71 9.01 7.54 -8.00
N ARG A 72 7.78 7.96 -7.72
CA ARG A 72 7.43 9.37 -7.64
C ARG A 72 7.01 9.70 -6.21
N LEU A 73 7.84 10.52 -5.55
N LEU A 73 7.85 10.50 -5.55
CA LEU A 73 7.68 10.91 -4.17
CA LEU A 73 7.66 10.93 -4.17
C LEU A 73 7.24 12.38 -4.12
C LEU A 73 7.13 12.35 -4.17
N GLY A 74 6.57 12.75 -3.03
CA GLY A 74 6.13 14.13 -2.88
C GLY A 74 4.95 14.51 -3.75
N GLU A 75 4.19 13.53 -4.22
CA GLU A 75 3.08 13.78 -5.15
C GLU A 75 1.80 14.14 -4.43
N ASP A 76 1.07 15.09 -5.00
CA ASP A 76 -0.35 15.21 -4.72
C ASP A 76 -1.09 14.98 -6.03
N ASN A 77 -1.15 15.99 -6.91
CA ASN A 77 -1.73 15.79 -8.24
C ASN A 77 -0.71 15.06 -9.10
N ILE A 78 -1.01 13.81 -9.49
CA ILE A 78 -0.04 13.01 -10.25
C ILE A 78 0.06 13.42 -11.70
N ASN A 79 -0.81 14.33 -12.18
CA ASN A 79 -0.77 14.79 -13.55
C ASN A 79 -0.16 16.17 -13.72
N VAL A 80 0.24 16.83 -12.63
CA VAL A 80 0.78 18.18 -12.67
C VAL A 80 2.04 18.23 -11.81
N VAL A 81 3.11 18.80 -12.33
CA VAL A 81 4.30 19.06 -11.52
C VAL A 81 4.00 20.30 -10.68
N GLU A 82 3.84 20.10 -9.37
CA GLU A 82 3.44 21.14 -8.44
C GLU A 82 4.59 21.71 -7.64
N GLY A 83 5.75 21.06 -7.63
CA GLY A 83 6.97 21.64 -7.09
C GLY A 83 7.60 20.90 -5.93
N ASN A 84 6.98 19.86 -5.38
CA ASN A 84 7.55 19.13 -4.26
C ASN A 84 7.91 17.70 -4.59
N GLU A 85 7.81 17.32 -5.87
CA GLU A 85 8.08 15.96 -6.27
C GLU A 85 9.57 15.63 -6.28
N GLN A 86 9.85 14.35 -6.10
CA GLN A 86 11.13 13.75 -6.45
C GLN A 86 10.83 12.52 -7.30
N PHE A 87 11.41 12.46 -8.49
CA PHE A 87 11.25 11.32 -9.41
C PHE A 87 12.57 10.56 -9.40
N ILE A 88 12.56 9.30 -8.99
CA ILE A 88 13.78 8.51 -8.85
C ILE A 88 13.51 7.12 -9.42
N SER A 89 14.31 6.72 -10.39
CA SER A 89 14.16 5.39 -10.98
C SER A 89 14.54 4.30 -9.97
N ALA A 90 13.86 3.17 -10.07
CA ALA A 90 14.25 2.00 -9.30
C ALA A 90 15.52 1.38 -9.88
N SER A 91 16.41 0.96 -9.00
CA SER A 91 17.57 0.18 -9.43
C SER A 91 17.34 -1.31 -9.34
N LYS A 92 16.42 -1.76 -8.50
CA LYS A 92 16.19 -3.18 -8.26
C LYS A 92 14.82 -3.33 -7.63
N SER A 93 14.11 -4.38 -8.02
N SER A 93 14.14 -4.42 -7.97
CA SER A 93 12.91 -4.79 -7.33
CA SER A 93 12.88 -4.80 -7.36
C SER A 93 13.11 -6.20 -6.81
C SER A 93 12.98 -6.24 -6.88
N ILE A 94 12.57 -6.49 -5.65
CA ILE A 94 12.69 -7.80 -5.01
C ILE A 94 11.29 -8.22 -4.57
N VAL A 95 10.68 -9.13 -5.31
CA VAL A 95 9.42 -9.74 -4.92
C VAL A 95 9.70 -10.79 -3.85
N HIS A 96 8.81 -10.88 -2.87
CA HIS A 96 9.00 -11.85 -1.80
C HIS A 96 9.23 -13.24 -2.38
N PRO A 97 10.18 -14.01 -1.84
CA PRO A 97 10.49 -15.32 -2.43
C PRO A 97 9.31 -16.27 -2.47
N SER A 98 8.38 -16.13 -1.54
CA SER A 98 7.24 -17.02 -1.42
C SER A 98 5.95 -16.42 -1.96
N TYR A 99 6.01 -15.30 -2.67
CA TYR A 99 4.80 -14.75 -3.26
C TYR A 99 4.16 -15.78 -4.19
N ASN A 100 2.87 -16.00 -4.01
CA ASN A 100 2.09 -16.87 -4.87
C ASN A 100 0.99 -16.04 -5.52
N SER A 101 1.12 -15.83 -6.83
CA SER A 101 0.19 -14.98 -7.55
C SER A 101 -1.19 -15.59 -7.72
N ASN A 102 -1.33 -16.90 -7.45
CA ASN A 102 -2.63 -17.53 -7.52
C ASN A 102 -3.47 -17.25 -6.28
N THR A 103 -2.86 -17.21 -5.10
CA THR A 103 -3.56 -16.99 -3.85
C THR A 103 -3.32 -15.61 -3.29
N LEU A 104 -2.37 -14.87 -3.84
CA LEU A 104 -1.88 -13.59 -3.35
C LEU A 104 -1.27 -13.71 -1.95
N ASN A 105 -0.89 -14.90 -1.52
CA ASN A 105 -0.17 -15.03 -0.27
C ASN A 105 1.22 -14.44 -0.42
N ASN A 106 1.67 -13.72 0.60
CA ASN A 106 2.98 -13.05 0.61
C ASN A 106 3.06 -11.96 -0.46
N ASP A 107 2.03 -11.12 -0.53
CA ASP A 107 1.91 -10.09 -1.57
C ASP A 107 2.68 -8.84 -1.14
N ILE A 108 4.01 -8.93 -1.24
CA ILE A 108 4.89 -7.85 -0.82
C ILE A 108 6.12 -7.84 -1.71
N MET A 109 6.63 -6.63 -1.97
N MET A 109 6.60 -6.64 -2.01
CA MET A 109 7.78 -6.38 -2.84
CA MET A 109 7.87 -6.49 -2.71
C MET A 109 8.55 -5.17 -2.32
C MET A 109 8.57 -5.25 -2.16
N LEU A 110 9.87 -5.24 -2.36
CA LEU A 110 10.74 -4.12 -2.04
C LEU A 110 11.29 -3.53 -3.34
N ILE A 111 11.39 -2.21 -3.38
CA ILE A 111 11.93 -1.48 -4.51
C ILE A 111 13.05 -0.59 -3.99
N LYS A 112 14.24 -0.75 -4.54
CA LYS A 112 15.37 0.11 -4.19
C LYS A 112 15.49 1.27 -5.18
N LEU A 113 15.70 2.46 -4.63
CA LEU A 113 15.88 3.66 -5.43
C LEU A 113 17.32 3.78 -5.89
N LYS A 114 17.50 4.29 -7.12
CA LYS A 114 18.84 4.47 -7.65
C LYS A 114 19.64 5.48 -6.86
N SER A 115 18.97 6.46 -6.24
CA SER A 115 19.60 7.44 -5.39
C SER A 115 18.69 7.69 -4.22
N ALA A 116 19.27 8.10 -3.10
CA ALA A 116 18.49 8.34 -1.90
C ALA A 116 17.58 9.54 -2.08
N ALA A 117 16.34 9.40 -1.60
CA ALA A 117 15.45 10.54 -1.55
C ALA A 117 15.94 11.55 -0.54
N SER A 118 15.62 12.81 -0.78
N SER A 118 15.63 12.81 -0.79
CA SER A 118 15.88 13.89 0.17
CA SER A 118 15.86 13.89 0.16
C SER A 118 14.65 14.01 1.07
C SER A 118 14.64 13.96 1.06
N LEU A 119 14.81 13.62 2.33
CA LEU A 119 13.69 13.59 3.25
C LEU A 119 13.42 14.99 3.78
N ASN A 120 12.14 15.36 3.81
CA ASN A 120 11.68 16.67 4.24
C ASN A 120 10.24 16.52 4.75
N SER A 121 9.56 17.63 5.02
CA SER A 121 8.22 17.52 5.59
C SER A 121 7.22 16.92 4.62
N ARG A 122 7.51 16.93 3.32
CA ARG A 122 6.61 16.41 2.30
C ARG A 122 7.02 15.06 1.76
N VAL A 123 8.22 14.59 2.10
CA VAL A 123 8.73 13.30 1.67
C VAL A 123 9.37 12.69 2.90
N ALA A 124 8.73 11.68 3.47
CA ALA A 124 9.11 11.16 4.77
C ALA A 124 8.86 9.67 4.79
N SER A 125 9.66 8.97 5.57
CA SER A 125 9.46 7.54 5.70
C SER A 125 8.39 7.21 6.75
N ILE A 126 7.82 6.01 6.61
CA ILE A 126 6.86 5.46 7.56
C ILE A 126 7.54 4.30 8.28
N SER A 127 7.41 4.28 9.61
N SER A 127 7.37 4.25 9.61
CA SER A 127 8.02 3.22 10.41
CA SER A 127 8.01 3.24 10.43
C SER A 127 7.39 1.87 10.13
C SER A 127 7.37 1.87 10.22
N LEU A 128 8.22 0.83 10.21
CA LEU A 128 7.73 -0.53 10.18
C LEU A 128 7.20 -0.91 11.56
N PRO A 129 6.26 -1.84 11.62
CA PRO A 129 5.70 -2.22 12.92
C PRO A 129 6.66 -3.11 13.69
N THR A 130 6.52 -3.06 15.01
CA THR A 130 7.18 -4.02 15.87
C THR A 130 6.23 -5.07 16.39
N SER A 131 4.94 -4.76 16.43
CA SER A 131 3.91 -5.74 16.74
C SER A 131 2.79 -5.57 15.73
N CYS A 132 2.00 -6.62 15.59
CA CYS A 132 0.88 -6.58 14.69
C CYS A 132 -0.24 -5.73 15.29
N ALA A 133 -1.03 -5.13 14.43
CA ALA A 133 -2.14 -4.30 14.87
C ALA A 133 -3.31 -5.15 15.33
N SER A 134 -4.21 -4.52 16.06
N SER A 134 -4.21 -4.53 16.07
CA SER A 134 -5.34 -5.21 16.66
CA SER A 134 -5.33 -5.23 16.69
C SER A 134 -6.61 -5.00 15.84
C SER A 134 -6.63 -4.98 15.94
N ALA A 135 -7.48 -6.00 15.88
CA ALA A 135 -8.80 -5.84 15.31
C ALA A 135 -9.50 -4.67 15.97
N GLY A 136 -10.20 -3.88 15.16
CA GLY A 136 -10.88 -2.69 15.63
C GLY A 136 -10.08 -1.42 15.51
N THR A 137 -8.77 -1.50 15.31
CA THR A 137 -7.98 -0.29 15.18
C THR A 137 -8.31 0.43 13.88
N GLN A 138 -8.42 1.75 13.98
CA GLN A 138 -8.67 2.59 12.82
C GLN A 138 -7.36 2.90 12.12
N CYS A 139 -7.33 2.68 10.82
CA CYS A 139 -6.16 2.89 10.01
C CYS A 139 -6.46 3.87 8.88
N LEU A 140 -5.41 4.34 8.24
CA LEU A 140 -5.48 5.24 7.10
C LEU A 140 -4.99 4.50 5.86
N ILE A 141 -5.84 4.44 4.83
CA ILE A 141 -5.55 3.84 3.55
C ILE A 141 -5.59 4.95 2.53
N SER A 142 -4.65 4.95 1.58
CA SER A 142 -4.56 6.06 0.65
C SER A 142 -4.13 5.58 -0.73
N GLY A 143 -4.47 6.36 -1.74
CA GLY A 143 -4.06 6.04 -3.09
C GLY A 143 -4.79 6.86 -4.15
N TRP A 144 -4.36 6.62 -5.39
CA TRP A 144 -4.88 7.28 -6.57
C TRP A 144 -5.75 6.32 -7.39
N GLY A 145 -6.29 5.28 -6.76
CA GLY A 145 -7.11 4.32 -7.45
C GLY A 145 -8.53 4.79 -7.72
N ASN A 146 -9.28 3.91 -8.37
CA ASN A 146 -10.65 4.17 -8.77
C ASN A 146 -11.48 4.62 -7.57
N THR A 147 -12.33 5.61 -7.80
CA THR A 147 -13.20 6.14 -6.77
C THR A 147 -14.64 5.66 -6.89
N LYS A 148 -14.95 4.82 -7.88
CA LYS A 148 -16.30 4.33 -8.08
C LYS A 148 -16.41 2.85 -7.74
N SER A 149 -17.51 2.47 -7.09
CA SER A 149 -17.78 1.06 -6.83
C SER A 149 -18.37 0.36 -8.04
N SER A 150 -19.08 1.10 -8.88
CA SER A 150 -19.55 0.62 -10.17
C SER A 150 -19.12 1.65 -11.21
N GLY A 151 -18.37 1.20 -12.19
CA GLY A 151 -17.83 2.12 -13.15
C GLY A 151 -16.43 2.52 -12.74
N THR A 152 -15.94 3.58 -13.39
CA THR A 152 -14.54 3.92 -13.33
C THR A 152 -14.34 5.43 -13.34
N SER A 153 -13.61 5.92 -12.33
CA SER A 153 -13.17 7.30 -12.31
C SER A 153 -11.88 7.37 -11.51
N TYR A 154 -10.82 7.85 -12.14
CA TYR A 154 -9.53 7.90 -11.49
C TYR A 154 -9.17 9.32 -11.12
N PRO A 155 -8.87 9.57 -9.86
CA PRO A 155 -8.58 10.92 -9.39
C PRO A 155 -7.15 11.32 -9.69
N ASP A 156 -6.92 12.62 -9.69
CA ASP A 156 -5.59 13.16 -9.87
C ASP A 156 -4.89 13.43 -8.55
N VAL A 157 -5.64 13.82 -7.52
CA VAL A 157 -5.07 14.09 -6.21
C VAL A 157 -5.25 12.88 -5.31
N LEU A 158 -4.42 12.82 -4.27
CA LEU A 158 -4.39 11.65 -3.41
C LEU A 158 -5.67 11.59 -2.57
N LYS A 159 -6.28 10.41 -2.54
CA LYS A 159 -7.46 10.16 -1.73
C LYS A 159 -7.11 9.29 -0.53
N CYS A 160 -7.93 9.44 0.51
CA CYS A 160 -7.69 8.85 1.81
C CYS A 160 -8.98 8.21 2.32
N LEU A 161 -8.82 7.20 3.17
CA LEU A 161 -9.94 6.51 3.78
C LEU A 161 -9.54 6.09 5.18
N LYS A 162 -10.37 6.42 6.16
CA LYS A 162 -10.22 5.83 7.48
C LYS A 162 -11.04 4.55 7.51
N ALA A 163 -10.40 3.46 7.96
CA ALA A 163 -11.06 2.17 7.93
C ALA A 163 -10.55 1.33 9.08
N PRO A 164 -11.43 0.60 9.77
CA PRO A 164 -10.98 -0.25 10.86
C PRO A 164 -10.55 -1.63 10.38
N ILE A 165 -9.59 -2.20 11.11
CA ILE A 165 -9.26 -3.61 10.91
C ILE A 165 -10.44 -4.45 11.36
N LEU A 166 -10.84 -5.40 10.52
CA LEU A 166 -11.97 -6.28 10.81
C LEU A 166 -11.47 -7.54 11.50
N SER A 167 -12.37 -8.19 12.23
CA SER A 167 -12.01 -9.42 12.90
C SER A 167 -11.61 -10.48 11.89
N ASP A 168 -10.71 -11.38 12.33
CA ASP A 168 -10.34 -12.51 11.48
C ASP A 168 -11.56 -13.34 11.12
N SER A 169 -12.49 -13.51 12.06
CA SER A 169 -13.70 -14.28 11.80
C SER A 169 -14.51 -13.67 10.67
N SER A 170 -14.72 -12.35 10.70
CA SER A 170 -15.49 -11.73 9.64
C SER A 170 -14.74 -11.76 8.32
N CYS A 171 -13.42 -11.65 8.36
CA CYS A 171 -12.62 -11.70 7.15
C CYS A 171 -12.74 -13.08 6.48
N LYS A 172 -12.56 -14.14 7.27
CA LYS A 172 -12.66 -15.50 6.73
C LYS A 172 -14.07 -15.81 6.25
N SER A 173 -15.09 -15.31 6.95
N SER A 173 -15.09 -15.30 6.94
CA SER A 173 -16.45 -15.51 6.48
CA SER A 173 -16.45 -15.50 6.48
C SER A 173 -16.70 -14.81 5.15
C SER A 173 -16.72 -14.80 5.16
N ALA A 174 -16.07 -13.65 4.94
CA ALA A 174 -16.28 -12.91 3.70
C ALA A 174 -15.61 -13.61 2.52
N TYR A 175 -14.48 -14.29 2.77
CA TYR A 175 -13.68 -14.91 1.70
C TYR A 175 -13.33 -16.34 2.12
N PRO A 176 -14.31 -17.23 2.14
CA PRO A 176 -14.03 -18.58 2.66
C PRO A 176 -12.91 -19.26 1.89
N GLY A 177 -11.99 -19.88 2.63
CA GLY A 177 -10.92 -20.65 2.05
C GLY A 177 -9.80 -19.84 1.46
N GLN A 178 -9.80 -18.51 1.62
CA GLN A 178 -8.86 -17.66 0.90
C GLN A 178 -8.02 -16.74 1.77
N ILE A 179 -8.28 -16.63 3.07
CA ILE A 179 -7.55 -15.72 3.95
C ILE A 179 -6.46 -16.52 4.66
N THR A 180 -5.20 -16.15 4.45
CA THR A 180 -4.09 -16.74 5.17
C THR A 180 -3.70 -15.85 6.35
N SER A 181 -2.78 -16.37 7.17
N SER A 181 -2.79 -16.38 7.18
CA SER A 181 -2.28 -15.62 8.31
CA SER A 181 -2.29 -15.62 8.32
C SER A 181 -1.42 -14.43 7.91
C SER A 181 -1.55 -14.36 7.88
N ASN A 182 -1.18 -14.26 6.61
CA ASN A 182 -0.44 -13.12 6.09
C ASN A 182 -1.34 -12.07 5.48
N MET A 183 -2.63 -12.13 5.78
CA MET A 183 -3.63 -11.21 5.26
C MET A 183 -4.53 -10.73 6.40
N PHE A 184 -5.06 -9.53 6.25
CA PHE A 184 -6.16 -9.08 7.11
C PHE A 184 -7.13 -8.27 6.28
N CYS A 185 -8.37 -8.20 6.76
CA CYS A 185 -9.40 -7.37 6.15
C CYS A 185 -9.53 -6.06 6.91
N ALA A 186 -9.86 -5.01 6.17
CA ALA A 186 -10.17 -3.73 6.78
C ALA A 186 -11.22 -3.06 5.92
N GLY A 187 -12.07 -2.26 6.55
CA GLY A 187 -13.11 -1.57 5.83
C GLY A 187 -14.47 -1.73 6.49
N TYR A 188 -15.49 -1.92 5.66
CA TYR A 188 -16.88 -1.78 6.07
C TYR A 188 -17.70 -2.88 5.41
N LEU A 189 -18.26 -3.78 6.21
CA LEU A 189 -19.04 -4.89 5.66
C LEU A 189 -20.31 -4.40 4.96
N GLU A 190 -20.81 -3.22 5.30
CA GLU A 190 -21.98 -2.68 4.62
C GLU A 190 -21.64 -2.13 3.25
N GLY A 191 -20.36 -2.04 2.90
CA GLY A 191 -19.94 -1.48 1.63
C GLY A 191 -19.87 0.04 1.67
N GLY A 192 -19.63 0.61 0.48
CA GLY A 192 -19.60 2.04 0.29
C GLY A 192 -18.24 2.69 0.46
N LYS A 193 -17.33 2.06 1.21
CA LYS A 193 -16.03 2.65 1.52
C LYS A 193 -14.98 1.56 1.43
N ASP A 194 -13.97 1.76 0.58
CA ASP A 194 -13.01 0.68 0.34
C ASP A 194 -11.84 1.25 -0.48
N SER A 195 -10.77 0.46 -0.55
CA SER A 195 -9.76 0.70 -1.56
C SER A 195 -10.19 0.03 -2.86
N CYS A 196 -9.44 0.25 -3.94
CA CYS A 196 -9.88 -0.22 -5.25
C CYS A 196 -8.68 -0.37 -6.20
N GLN A 197 -8.97 -0.76 -7.44
CA GLN A 197 -7.93 -0.87 -8.45
C GLN A 197 -7.15 0.44 -8.56
N GLY A 198 -5.84 0.33 -8.66
CA GLY A 198 -4.95 1.48 -8.70
C GLY A 198 -4.45 1.92 -7.34
N ASP A 199 -5.12 1.51 -6.26
CA ASP A 199 -4.61 1.70 -4.91
C ASP A 199 -3.59 0.62 -4.53
N SER A 200 -3.59 -0.50 -5.28
CA SER A 200 -2.67 -1.61 -5.11
C SER A 200 -1.28 -1.15 -4.69
N GLY A 201 -0.72 -1.83 -3.69
CA GLY A 201 0.63 -1.56 -3.25
C GLY A 201 0.77 -0.45 -2.24
N GLY A 202 -0.26 0.36 -2.06
CA GLY A 202 -0.19 1.49 -1.18
C GLY A 202 -0.36 1.13 0.28
N PRO A 203 -0.23 2.13 1.13
CA PRO A 203 -0.14 1.92 2.58
C PRO A 203 -1.48 1.76 3.27
N VAL A 204 -1.44 0.96 4.34
CA VAL A 204 -2.42 0.96 5.42
C VAL A 204 -1.62 1.26 6.68
N VAL A 205 -1.83 2.45 7.26
CA VAL A 205 -1.07 2.92 8.41
C VAL A 205 -1.99 2.95 9.62
N CYS A 206 -1.54 2.32 10.70
CA CYS A 206 -2.28 2.25 11.94
C CYS A 206 -1.32 2.61 13.06
N SER A 207 -1.74 3.53 13.92
CA SER A 207 -0.93 3.94 15.06
C SER A 207 0.50 4.28 14.62
N GLY A 208 0.60 4.99 13.50
CA GLY A 208 1.88 5.47 13.04
C GLY A 208 2.80 4.44 12.44
N LYS A 209 2.32 3.24 12.15
CA LYS A 209 3.14 2.18 11.57
C LYS A 209 2.50 1.65 10.30
N LEU A 210 3.35 1.17 9.38
CA LEU A 210 2.88 0.53 8.16
C LEU A 210 2.46 -0.89 8.49
N GLN A 211 1.15 -1.11 8.66
CA GLN A 211 0.66 -2.43 9.01
C GLN A 211 0.10 -3.20 7.84
N GLY A 212 -0.28 -2.53 6.75
CA GLY A 212 -0.85 -3.24 5.62
C GLY A 212 -0.38 -2.67 4.29
N ILE A 213 -0.54 -3.49 3.25
CA ILE A 213 -0.34 -3.11 1.86
C ILE A 213 -1.63 -3.44 1.11
N VAL A 214 -2.13 -2.49 0.32
CA VAL A 214 -3.32 -2.74 -0.47
C VAL A 214 -3.07 -3.93 -1.40
N SER A 215 -3.85 -5.00 -1.20
CA SER A 215 -3.61 -6.26 -1.90
C SER A 215 -4.76 -6.64 -2.81
N TRP A 216 -5.91 -7.07 -2.29
CA TRP A 216 -6.95 -7.59 -3.16
C TRP A 216 -8.32 -7.43 -2.53
N GLY A 217 -9.32 -7.91 -3.25
N GLY A 217 -9.32 -7.93 -3.24
CA GLY A 217 -10.67 -7.99 -2.76
CA GLY A 217 -10.70 -7.76 -2.86
C GLY A 217 -11.55 -8.61 -3.83
C GLY A 217 -11.59 -8.05 -4.05
N SER A 218 -12.84 -8.32 -3.77
CA SER A 218 -13.78 -8.74 -4.80
C SER A 218 -14.64 -7.53 -5.15
N GLY A 219 -14.32 -6.89 -6.26
CA GLY A 219 -14.89 -5.58 -6.51
C GLY A 219 -14.38 -4.60 -5.46
N CYS A 220 -15.05 -3.45 -5.40
CA CYS A 220 -14.68 -2.41 -4.46
C CYS A 220 -15.95 -1.88 -3.81
N ALA A 221 -15.94 -1.81 -2.47
CA ALA A 221 -17.01 -1.19 -1.71
C ALA A 221 -18.32 -1.94 -1.82
N GLN A 222 -18.26 -3.22 -2.19
CA GLN A 222 -19.46 -4.05 -2.23
C GLN A 222 -19.74 -4.64 -0.84
N LYS A 223 -21.02 -4.88 -0.57
CA LYS A 223 -21.41 -5.45 0.70
C LYS A 223 -20.72 -6.80 0.92
N ASN A 224 -20.23 -7.01 2.13
CA ASN A 224 -19.65 -8.27 2.58
C ASN A 224 -18.38 -8.66 1.83
N LYS A 225 -17.71 -7.70 1.19
CA LYS A 225 -16.48 -7.97 0.44
C LYS A 225 -15.50 -6.84 0.73
N PRO A 226 -14.95 -6.81 1.94
CA PRO A 226 -14.03 -5.74 2.31
C PRO A 226 -12.66 -5.95 1.66
N GLY A 227 -11.84 -4.91 1.70
CA GLY A 227 -10.50 -5.04 1.20
C GLY A 227 -9.66 -5.99 2.03
N VAL A 228 -8.74 -6.67 1.36
CA VAL A 228 -7.77 -7.58 1.96
C VAL A 228 -6.38 -6.99 1.78
N TYR A 229 -5.57 -7.06 2.84
CA TYR A 229 -4.33 -6.33 2.95
C TYR A 229 -3.22 -7.27 3.39
N THR A 230 -2.03 -7.10 2.82
CA THR A 230 -0.87 -7.88 3.26
C THR A 230 -0.49 -7.47 4.67
N LYS A 231 -0.26 -8.46 5.52
CA LYS A 231 0.00 -8.23 6.94
C LYS A 231 1.50 -7.98 7.14
N VAL A 232 1.88 -6.70 7.11
CA VAL A 232 3.28 -6.30 7.06
C VAL A 232 4.05 -6.80 8.28
N CYS A 233 3.42 -6.87 9.45
CA CYS A 233 4.17 -7.27 10.65
C CYS A 233 4.81 -8.63 10.49
N ASN A 234 4.31 -9.48 9.60
CA ASN A 234 4.89 -10.81 9.40
C ASN A 234 6.14 -10.77 8.53
N TYR A 235 6.46 -9.62 7.95
CA TYR A 235 7.54 -9.49 6.97
C TYR A 235 8.68 -8.61 7.43
N VAL A 236 8.65 -8.13 8.67
CA VAL A 236 9.66 -7.16 9.09
C VAL A 236 11.05 -7.79 9.09
N SER A 237 11.16 -9.05 9.50
N SER A 237 11.16 -9.05 9.50
CA SER A 237 12.46 -9.71 9.49
CA SER A 237 12.47 -9.70 9.50
C SER A 237 13.02 -9.80 8.08
C SER A 237 13.03 -9.83 8.08
N TRP A 238 12.18 -10.22 7.13
CA TRP A 238 12.60 -10.30 5.74
C TRP A 238 12.98 -8.92 5.20
N ILE A 239 12.18 -7.90 5.51
CA ILE A 239 12.51 -6.56 5.04
C ILE A 239 13.87 -6.14 5.57
N LYS A 240 14.06 -6.27 6.89
CA LYS A 240 15.30 -5.79 7.49
C LYS A 240 16.51 -6.54 6.94
N GLN A 241 16.41 -7.86 6.77
N GLN A 241 16.41 -7.87 6.81
CA GLN A 241 17.58 -8.60 6.29
CA GLN A 241 17.52 -8.65 6.27
C GLN A 241 17.80 -8.39 4.80
C GLN A 241 17.80 -8.25 4.84
N THR A 242 16.75 -8.07 4.04
CA THR A 242 16.94 -7.76 2.63
C THR A 242 17.61 -6.40 2.45
N ILE A 243 17.16 -5.39 3.19
CA ILE A 243 17.78 -4.07 3.03
C ILE A 243 19.18 -4.04 3.62
N ALA A 244 19.51 -4.95 4.52
CA ALA A 244 20.86 -5.02 5.07
C ALA A 244 21.87 -5.62 4.09
N SER A 245 21.42 -6.21 2.98
N SER A 245 21.39 -6.18 2.97
CA SER A 245 22.32 -6.89 2.04
CA SER A 245 22.23 -6.93 2.06
C SER A 245 22.06 -6.50 0.59
C SER A 245 22.14 -6.44 0.62
N ASN A 246 21.36 -5.39 0.36
CA ASN A 246 21.09 -4.91 -0.99
C ASN A 246 21.07 -3.40 -1.03
CA CA B . 2.59 16.14 -9.16
S DMS C . 9.28 -15.00 -7.56
O DMS C . 9.80 -16.39 -7.53
C1 DMS C . 7.76 -14.97 -6.59
C2 DMS C . 10.27 -14.02 -6.42
S SO4 D . 3.77 -1.11 16.92
O1 SO4 D . 5.06 -0.59 17.35
O2 SO4 D . 3.95 -1.90 15.72
O3 SO4 D . 3.26 -1.97 17.97
O4 SO4 D . 2.83 -0.02 16.67
C4 J5K E . -10.16 -13.89 -7.97
C4 J5K E . -6.35 -11.78 -10.62
C5 J5K E . -11.18 -14.11 -7.07
C5 J5K E . -5.11 -11.80 -10.03
C6 J5K E . -11.39 -13.22 -6.04
C6 J5K E . -5.00 -11.54 -8.68
N1 J5K E . -6.84 -8.03 -7.88
C7 J5K E . -10.57 -12.11 -5.92
C7 J5K E . -6.12 -11.26 -7.92
C8 J5K E . -7.94 -8.36 -7.17
N2 J5K E . -6.22 -5.07 -6.00
C9 J5K E . -5.89 -7.07 -7.31
C10 J5K E . -6.54 -5.72 -7.12
C11 J5K E . -6.75 -3.75 -5.71
C12 J5K E . -7.94 -3.81 -4.80
N3 J5K E . -11.07 -3.81 -2.12
C13 J5K E . -9.03 -4.65 -5.02
C14 J5K E . -10.10 -4.67 -4.15
C15 J5K E . -10.07 -3.82 -3.03
N4 J5K E . -9.03 -2.99 -2.81
O1 J5K E . -8.20 -7.81 -6.12
C J5K E . -8.82 -9.52 -7.62
C J5K E . -8.93 -9.33 -7.80
C1 J5K E . -8.61 -10.70 -6.65
C1 J5K E . -8.60 -10.83 -7.72
C2 J5K E . -9.53 -11.88 -6.80
C2 J5K E . -7.37 -11.22 -8.51
C3 J5K E . -9.34 -12.79 -7.84
C3 J5K E . -7.47 -11.49 -9.87
N J5K E . -10.21 -9.04 -7.56
N J5K E . -10.29 -9.07 -7.27
C19 J5K E . -6.38 -8.54 -9.18
C18 J5K E . -4.89 -8.29 -9.14
C17 J5K E . -4.79 -6.99 -8.37
O J5K E . -7.33 -5.27 -7.96
C16 J5K E . -8.00 -3.01 -3.67
#